data_5W82
#
_entry.id   5W82
#
_cell.length_a   55.746
_cell.length_b   58.220
_cell.length_c   163.235
_cell.angle_alpha   90.000
_cell.angle_beta   90.000
_cell.angle_gamma   90.000
#
_symmetry.space_group_name_H-M   'P 21 21 21'
#
loop_
_entity.id
_entity.type
_entity.pdbx_description
1 polymer 'Protein delta'
2 water water
#
_entity_poly.entity_id   1
_entity_poly.type   'polypeptide(L)'
_entity_poly.pdbx_seq_one_letter_code
;HMMPSEDYAIWYARATIAALQAAEYRLAMPSASYTAWFTDAVSDKLDKISESLNTLVECVIDKRLAVSVPEPLPVRVENK
VQVEVEDEVRVRVENKVDVEVKN
;
_entity_poly.pdbx_strand_id   C,B,D,E,A
#
# COMPACT_ATOMS: atom_id res chain seq x y z
N MET A 3 65.60 3.96 -6.77
CA MET A 3 64.36 4.71 -6.67
C MET A 3 64.64 6.21 -6.83
N PRO A 4 63.61 7.01 -7.06
CA PRO A 4 63.76 8.45 -6.91
C PRO A 4 64.00 8.83 -5.46
N SER A 5 64.34 10.09 -5.26
CA SER A 5 64.67 10.59 -3.93
C SER A 5 63.52 10.35 -2.94
N GLU A 6 63.89 10.11 -1.69
CA GLU A 6 62.88 10.03 -0.64
C GLU A 6 62.17 11.37 -0.48
N ASP A 7 62.87 12.47 -0.71
CA ASP A 7 62.22 13.78 -0.71
C ASP A 7 61.23 13.90 -1.86
N TYR A 8 61.64 13.49 -3.06
CA TYR A 8 60.72 13.53 -4.19
C TYR A 8 59.49 12.67 -3.94
N ALA A 9 59.69 11.49 -3.31
CA ALA A 9 58.58 10.58 -3.09
C ALA A 9 57.57 11.15 -2.11
N ILE A 10 58.04 11.80 -1.04
CA ILE A 10 57.13 12.43 -0.09
C ILE A 10 56.35 13.54 -0.77
N TRP A 11 57.05 14.39 -1.53
CA TRP A 11 56.38 15.45 -2.28
C TRP A 11 55.29 14.88 -3.19
N TYR A 12 55.64 13.82 -3.93
CA TYR A 12 54.70 13.27 -4.90
C TYR A 12 53.44 12.73 -4.23
N ALA A 13 53.61 12.07 -3.07
CA ALA A 13 52.43 11.58 -2.34
C ALA A 13 51.54 12.73 -1.95
N ARG A 14 52.11 13.77 -1.32
CA ARG A 14 51.31 14.90 -0.85
C ARG A 14 50.65 15.64 -2.01
N ALA A 15 51.42 15.91 -3.06
CA ALA A 15 50.89 16.65 -4.19
C ALA A 15 49.78 15.86 -4.88
N THR A 16 49.96 14.55 -5.04
CA THR A 16 48.97 13.76 -5.78
C THR A 16 47.68 13.62 -4.98
N ILE A 17 47.78 13.35 -3.67
CA ILE A 17 46.57 13.30 -2.85
C ILE A 17 45.86 14.65 -2.88
N ALA A 18 46.62 15.74 -2.77
CA ALA A 18 45.99 17.06 -2.75
C ALA A 18 45.27 17.34 -4.06
N ALA A 19 45.88 16.97 -5.18
CA ALA A 19 45.23 17.12 -6.47
C ALA A 19 43.97 16.25 -6.55
N LEU A 20 44.07 14.98 -6.18
CA LEU A 20 42.91 14.10 -6.28
C LEU A 20 41.75 14.61 -5.45
N GLN A 21 42.04 15.18 -4.29
CA GLN A 21 40.98 15.66 -3.39
C GLN A 21 40.48 17.05 -3.78
N ALA A 22 41.24 17.78 -4.60
CA ALA A 22 40.79 19.08 -5.08
C ALA A 22 39.83 18.94 -6.25
N ALA A 23 39.97 17.89 -7.04
CA ALA A 23 39.12 17.68 -8.20
C ALA A 23 37.73 17.19 -7.77
N GLU A 24 36.77 17.29 -8.70
CA GLU A 24 35.48 16.63 -8.61
C GLU A 24 35.33 15.67 -9.79
N TYR A 25 34.54 14.61 -9.61
CA TYR A 25 34.59 13.47 -10.51
C TYR A 25 33.24 13.28 -11.19
N ARG A 26 33.24 13.33 -12.52
CA ARG A 26 32.03 13.23 -13.32
C ARG A 26 31.85 11.79 -13.79
N LEU A 27 30.78 11.13 -13.34
CA LEU A 27 30.57 9.73 -13.71
C LEU A 27 30.07 9.63 -15.15
N ALA A 28 30.71 8.74 -15.92
CA ALA A 28 30.25 8.36 -17.25
C ALA A 28 29.23 7.24 -17.11
N MET A 29 28.66 6.77 -18.21
CA MET A 29 27.85 5.56 -18.09
C MET A 29 28.72 4.45 -17.51
N PRO A 30 28.24 3.71 -16.50
CA PRO A 30 29.08 2.68 -15.89
C PRO A 30 29.38 1.56 -16.87
N SER A 31 30.41 0.79 -16.54
CA SER A 31 30.78 -0.38 -17.32
C SER A 31 29.70 -1.45 -17.23
N ALA A 32 29.79 -2.44 -18.11
CA ALA A 32 28.82 -3.53 -18.10
C ALA A 32 28.87 -4.30 -16.79
N SER A 33 30.06 -4.43 -16.18
CA SER A 33 30.16 -5.13 -14.90
C SER A 33 29.35 -4.41 -13.82
N TYR A 34 29.47 -3.08 -13.75
CA TYR A 34 28.72 -2.33 -12.76
C TYR A 34 27.23 -2.38 -13.03
N THR A 35 26.81 -2.13 -14.27
CA THR A 35 25.36 -2.03 -14.51
C THR A 35 24.67 -3.35 -14.24
N ALA A 36 25.33 -4.46 -14.57
CA ALA A 36 24.77 -5.77 -14.27
C ALA A 36 24.62 -5.96 -12.76
N TRP A 37 25.63 -5.55 -11.99
CA TRP A 37 25.52 -5.66 -10.53
C TRP A 37 24.41 -4.76 -10.00
N PHE A 38 24.38 -3.51 -10.45
CA PHE A 38 23.39 -2.56 -9.95
C PHE A 38 21.97 -3.00 -10.31
N THR A 39 21.76 -3.54 -11.51
CA THR A 39 20.41 -3.96 -11.87
C THR A 39 19.94 -5.08 -10.96
N ASP A 40 20.85 -5.98 -10.59
CA ASP A 40 20.51 -7.03 -9.64
C ASP A 40 20.29 -6.49 -8.22
N ALA A 41 21.06 -5.47 -7.82
CA ALA A 41 21.01 -4.96 -6.45
C ALA A 41 19.85 -3.99 -6.22
N VAL A 42 19.37 -3.32 -7.28
CA VAL A 42 18.36 -2.27 -7.16
C VAL A 42 17.24 -2.48 -8.19
N SER A 43 17.57 -2.33 -9.47
CA SER A 43 16.53 -2.16 -10.50
C SER A 43 15.56 -3.34 -10.55
N ASP A 44 16.08 -4.57 -10.46
CA ASP A 44 15.20 -5.74 -10.52
C ASP A 44 14.28 -5.81 -9.31
N LYS A 45 14.74 -5.37 -8.15
CA LYS A 45 13.88 -5.36 -6.96
C LYS A 45 12.79 -4.29 -7.09
N LEU A 46 13.11 -3.14 -7.69
CA LEU A 46 12.09 -2.15 -7.94
C LEU A 46 11.03 -2.68 -8.92
N ASP A 47 11.46 -3.42 -9.95
CA ASP A 47 10.48 -4.01 -10.85
C ASP A 47 9.56 -4.96 -10.10
N LYS A 48 10.12 -5.76 -9.18
CA LYS A 48 9.30 -6.69 -8.41
C LYS A 48 8.30 -5.95 -7.54
N ILE A 49 8.76 -4.90 -6.86
CA ILE A 49 7.86 -4.06 -6.05
C ILE A 49 6.78 -3.44 -6.93
N SER A 50 7.18 -2.86 -8.06
CA SER A 50 6.20 -2.22 -8.94
C SER A 50 5.14 -3.22 -9.41
N GLU A 51 5.58 -4.43 -9.77
CA GLU A 51 4.63 -5.42 -10.26
C GLU A 51 3.64 -5.82 -9.17
N SER A 52 4.13 -6.04 -7.95
CA SER A 52 3.22 -6.42 -6.87
C SER A 52 2.22 -5.31 -6.58
N LEU A 53 2.69 -4.07 -6.56
CA LEU A 53 1.81 -2.94 -6.32
C LEU A 53 0.76 -2.81 -7.42
N ASN A 54 1.14 -3.08 -8.68
CA ASN A 54 0.17 -3.03 -9.77
C ASN A 54 -0.95 -4.07 -9.59
N THR A 55 -0.62 -5.22 -9.02
CA THR A 55 -1.64 -6.22 -8.77
C THR A 55 -2.66 -5.72 -7.76
N LEU A 56 -2.20 -5.03 -6.72
CA LEU A 56 -3.10 -4.42 -5.74
C LEU A 56 -3.90 -3.27 -6.35
N VAL A 57 -3.26 -2.40 -7.13
CA VAL A 57 -3.94 -1.20 -7.60
C VAL A 57 -4.93 -1.52 -8.71
N GLU A 58 -4.79 -2.67 -9.37
CA GLU A 58 -5.79 -3.13 -10.32
C GLU A 58 -7.13 -3.35 -9.65
N CYS A 59 -7.15 -3.56 -8.33
CA CYS A 59 -8.38 -3.72 -7.57
C CYS A 59 -9.11 -2.40 -7.31
N VAL A 60 -8.46 -1.26 -7.54
CA VAL A 60 -9.07 0.04 -7.30
C VAL A 60 -9.93 0.41 -8.50
N ILE A 61 -11.19 0.79 -8.24
CA ILE A 61 -12.11 1.20 -9.29
C ILE A 61 -12.75 2.52 -8.85
N ASP A 62 -12.49 3.58 -9.61
CA ASP A 62 -13.10 4.89 -9.38
C ASP A 62 -12.92 5.33 -7.92
N LYS A 63 -11.68 5.25 -7.45
CA LYS A 63 -11.27 5.73 -6.13
C LYS A 63 -11.87 4.93 -4.99
N ARG A 64 -12.24 3.67 -5.23
CA ARG A 64 -12.62 2.76 -4.16
C ARG A 64 -11.90 1.43 -4.39
N LEU A 65 -11.40 0.84 -3.32
CA LEU A 65 -10.78 -0.47 -3.40
C LEU A 65 -11.84 -1.56 -3.38
N ALA A 66 -11.89 -2.40 -4.42
CA ALA A 66 -12.83 -3.51 -4.45
C ALA A 66 -12.37 -4.61 -3.50
N VAL A 67 -13.25 -5.05 -2.59
CA VAL A 67 -12.89 -6.05 -1.60
C VAL A 67 -13.91 -7.18 -1.64
N SER A 68 -13.51 -8.35 -1.12
CA SER A 68 -14.40 -9.50 -0.99
C SER A 68 -14.52 -9.92 0.47
N VAL A 69 -15.75 -10.12 0.92
CA VAL A 69 -16.01 -10.59 2.28
C VAL A 69 -16.62 -11.99 2.19
N PRO A 70 -16.52 -12.83 3.23
CA PRO A 70 -17.18 -14.13 3.16
C PRO A 70 -18.68 -13.96 2.93
N GLU A 71 -19.26 -14.85 2.15
CA GLU A 71 -20.66 -14.70 1.77
C GLU A 71 -21.39 -16.03 1.68
N PRO A 72 -22.66 -16.08 2.14
CA PRO A 72 -23.39 -14.98 2.80
C PRO A 72 -22.80 -14.58 4.14
N LEU A 73 -22.70 -13.28 4.38
CA LEU A 73 -22.07 -12.78 5.60
C LEU A 73 -23.02 -12.92 6.78
N PRO A 74 -22.59 -13.55 7.88
CA PRO A 74 -23.44 -13.60 9.08
C PRO A 74 -23.54 -12.22 9.72
N VAL A 75 -24.78 -11.79 9.98
CA VAL A 75 -25.01 -10.48 10.54
C VAL A 75 -25.95 -10.62 11.74
N ARG A 76 -25.88 -9.63 12.63
CA ARG A 76 -26.80 -9.58 13.76
C ARG A 76 -27.48 -8.22 13.79
N VAL A 77 -28.81 -8.23 13.73
CA VAL A 77 -29.60 -7.01 13.58
C VAL A 77 -29.84 -6.43 14.97
N GLU A 78 -29.45 -5.17 15.17
CA GLU A 78 -29.50 -4.61 16.52
C GLU A 78 -30.71 -3.71 16.77
N ASN A 79 -31.43 -3.27 15.75
CA ASN A 79 -32.52 -2.33 15.97
C ASN A 79 -33.86 -3.01 15.72
N LYS A 80 -34.92 -2.31 16.12
CA LYS A 80 -36.29 -2.73 15.83
C LYS A 80 -36.64 -2.29 14.41
N VAL A 81 -37.06 -3.24 13.58
CA VAL A 81 -37.18 -3.04 12.14
C VAL A 81 -38.65 -2.84 11.77
N GLN A 82 -38.93 -1.77 11.03
CA GLN A 82 -40.23 -1.59 10.40
C GLN A 82 -40.42 -2.65 9.31
N VAL A 83 -41.57 -3.32 9.31
CA VAL A 83 -41.86 -4.32 8.29
C VAL A 83 -43.25 -4.07 7.71
N GLU A 84 -43.43 -4.57 6.49
CA GLU A 84 -44.70 -4.48 5.78
C GLU A 84 -45.13 -5.89 5.41
N VAL A 85 -46.32 -6.30 5.86
CA VAL A 85 -46.82 -7.64 5.60
C VAL A 85 -47.73 -7.59 4.39
N GLU A 86 -47.31 -8.25 3.32
CA GLU A 86 -47.92 -8.11 2.00
C GLU A 86 -49.10 -9.05 1.79
N ASP A 87 -49.01 -10.26 2.29
CA ASP A 87 -49.99 -11.30 2.01
C ASP A 87 -50.85 -11.56 3.22
N GLU A 88 -51.96 -12.28 2.98
CA GLU A 88 -52.87 -12.65 4.05
C GLU A 88 -52.15 -13.55 5.06
N VAL A 89 -52.42 -13.31 6.34
CA VAL A 89 -51.82 -14.06 7.43
C VAL A 89 -52.90 -14.91 8.09
N ARG A 90 -52.61 -16.20 8.30
CA ARG A 90 -53.53 -17.06 9.06
C ARG A 90 -53.31 -16.82 10.54
N VAL A 91 -54.40 -16.64 11.28
CA VAL A 91 -54.31 -16.29 12.69
C VAL A 91 -55.22 -17.19 13.51
N ARG A 92 -54.87 -17.32 14.79
CA ARG A 92 -55.71 -18.00 15.78
C ARG A 92 -55.97 -17.03 16.92
N VAL A 93 -57.24 -16.73 17.15
CA VAL A 93 -57.63 -15.82 18.21
C VAL A 93 -57.55 -16.55 19.54
N GLU A 94 -56.82 -15.98 20.50
CA GLU A 94 -56.58 -16.64 21.78
C GLU A 94 -57.51 -16.21 22.89
N ASN A 95 -58.24 -15.09 22.74
CA ASN A 95 -59.03 -14.54 23.84
C ASN A 95 -60.52 -14.52 23.49
N LYS A 96 -61.33 -14.22 24.50
CA LYS A 96 -62.76 -14.03 24.28
C LYS A 96 -62.99 -12.60 23.80
N VAL A 97 -63.69 -12.46 22.69
CA VAL A 97 -63.83 -11.17 22.00
C VAL A 97 -65.18 -10.56 22.31
N ASP A 98 -65.17 -9.30 22.75
CA ASP A 98 -66.41 -8.54 22.86
C ASP A 98 -66.92 -8.20 21.46
N VAL A 99 -68.19 -8.46 21.19
CA VAL A 99 -68.74 -8.23 19.86
C VAL A 99 -70.03 -7.45 19.96
N GLU A 100 -70.25 -6.59 18.97
CA GLU A 100 -71.49 -5.84 18.80
C GLU A 100 -72.20 -6.41 17.57
N VAL A 101 -73.36 -7.02 17.79
CA VAL A 101 -74.12 -7.62 16.70
C VAL A 101 -74.87 -6.52 15.95
N LYS A 102 -74.61 -6.43 14.64
CA LYS A 102 -75.12 -5.35 13.81
C LYS A 102 -76.41 -5.68 13.09
N ASN A 103 -76.93 -6.89 13.25
CA ASN A 103 -78.22 -7.25 12.66
C ASN A 103 -79.09 -7.98 13.68
N MET B 3 60.29 4.63 -20.59
CA MET B 3 61.68 4.48 -20.69
C MET B 3 62.23 4.49 -19.37
N PRO B 4 61.45 4.76 -18.32
CA PRO B 4 62.17 5.08 -17.10
C PRO B 4 62.76 3.81 -16.58
N SER B 5 63.59 3.96 -15.60
CA SER B 5 64.25 2.80 -15.00
C SER B 5 63.21 1.92 -14.32
N GLU B 6 63.55 0.64 -14.17
CA GLU B 6 62.62 -0.26 -13.49
C GLU B 6 62.37 0.18 -12.06
N ASP B 7 63.42 0.65 -11.37
CA ASP B 7 63.26 1.08 -9.99
C ASP B 7 62.28 2.25 -9.90
N TYR B 8 62.40 3.22 -10.80
CA TYR B 8 61.43 4.30 -10.86
C TYR B 8 60.03 3.77 -11.18
N ALA B 9 59.94 2.93 -12.22
CA ALA B 9 58.64 2.42 -12.66
C ALA B 9 57.92 1.70 -11.54
N ILE B 10 58.66 0.91 -10.76
CA ILE B 10 58.05 0.18 -9.66
C ILE B 10 57.64 1.15 -8.55
N TRP B 11 58.50 2.13 -8.24
CA TRP B 11 58.14 3.11 -7.21
C TRP B 11 56.89 3.87 -7.62
N TYR B 12 56.83 4.30 -8.90
CA TYR B 12 55.69 5.09 -9.36
C TYR B 12 54.38 4.32 -9.23
N ALA B 13 54.39 3.05 -9.62
CA ALA B 13 53.19 2.24 -9.51
C ALA B 13 52.76 2.11 -8.05
N ARG B 14 53.72 1.84 -7.17
CA ARG B 14 53.36 1.66 -5.77
C ARG B 14 52.91 2.98 -5.15
N ALA B 15 53.59 4.07 -5.46
CA ALA B 15 53.26 5.38 -4.88
C ALA B 15 51.93 5.89 -5.40
N THR B 16 51.64 5.66 -6.68
CA THR B 16 50.40 6.17 -7.25
C THR B 16 49.20 5.41 -6.68
N ILE B 17 49.30 4.09 -6.57
CA ILE B 17 48.23 3.32 -5.94
C ILE B 17 48.01 3.79 -4.51
N ALA B 18 49.10 4.01 -3.78
CA ALA B 18 48.97 4.47 -2.40
C ALA B 18 48.24 5.82 -2.32
N ALA B 19 48.60 6.76 -3.20
CA ALA B 19 47.91 8.04 -3.21
C ALA B 19 46.44 7.88 -3.58
N LEU B 20 46.14 7.07 -4.61
CA LEU B 20 44.75 6.90 -5.04
C LEU B 20 43.90 6.31 -3.92
N GLN B 21 44.48 5.44 -3.10
CA GLN B 21 43.73 4.83 -2.01
C GLN B 21 43.69 5.70 -0.76
N ALA B 22 44.68 6.58 -0.57
CA ALA B 22 44.65 7.50 0.56
C ALA B 22 43.64 8.62 0.35
N ALA B 23 43.43 9.05 -0.90
CA ALA B 23 42.46 10.09 -1.23
C ALA B 23 41.02 9.61 -1.07
N GLU B 24 40.10 10.58 -0.99
CA GLU B 24 38.68 10.37 -1.15
C GLU B 24 38.18 11.25 -2.30
N TYR B 25 37.02 10.90 -2.86
CA TYR B 25 36.60 11.38 -4.18
C TYR B 25 35.23 12.03 -4.09
N ARG B 26 35.17 13.31 -4.44
CA ARG B 26 33.95 14.09 -4.40
C ARG B 26 33.26 14.06 -5.76
N LEU B 27 32.06 13.48 -5.81
CA LEU B 27 31.32 13.37 -7.06
C LEU B 27 30.79 14.73 -7.51
N ALA B 28 31.03 15.07 -8.78
CA ALA B 28 30.37 16.20 -9.41
C ALA B 28 28.99 15.79 -9.93
N MET B 29 28.27 16.72 -10.54
CA MET B 29 27.09 16.28 -11.27
C MET B 29 27.50 15.27 -12.33
N PRO B 30 26.81 14.14 -12.44
CA PRO B 30 27.23 13.11 -13.40
C PRO B 30 27.00 13.55 -14.83
N SER B 31 27.67 12.84 -15.75
CA SER B 31 27.51 13.05 -17.18
C SER B 31 26.06 12.80 -17.60
N ALA B 32 25.70 13.35 -18.77
CA ALA B 32 24.37 13.09 -19.31
C ALA B 32 24.16 11.60 -19.55
N SER B 33 25.21 10.90 -19.98
CA SER B 33 25.14 9.45 -20.15
C SER B 33 24.75 8.76 -18.85
N TYR B 34 25.37 9.18 -17.75
CA TYR B 34 25.05 8.56 -16.47
C TYR B 34 23.62 8.88 -16.05
N THR B 35 23.22 10.16 -16.14
CA THR B 35 21.89 10.51 -15.65
C THR B 35 20.80 9.85 -16.48
N ALA B 36 21.04 9.69 -17.80
CA ALA B 36 20.08 9.00 -18.64
C ALA B 36 19.94 7.53 -18.22
N TRP B 37 21.08 6.87 -17.99
CA TRP B 37 21.05 5.48 -17.52
C TRP B 37 20.39 5.39 -16.14
N PHE B 38 20.74 6.29 -15.24
CA PHE B 38 20.21 6.23 -13.87
C PHE B 38 18.72 6.52 -13.86
N THR B 39 18.26 7.42 -14.71
CA THR B 39 16.83 7.70 -14.84
C THR B 39 16.07 6.44 -15.23
N ASP B 40 16.60 5.66 -16.17
CA ASP B 40 15.95 4.41 -16.55
C ASP B 40 16.04 3.36 -15.46
N ALA B 41 17.20 3.31 -14.78
CA ALA B 41 17.45 2.22 -13.83
C ALA B 41 16.74 2.45 -12.49
N VAL B 42 16.45 3.70 -12.13
CA VAL B 42 15.93 4.02 -10.81
C VAL B 42 14.76 4.99 -10.89
N SER B 43 15.02 6.22 -11.33
CA SER B 43 14.05 7.30 -11.14
C SER B 43 12.71 6.99 -11.81
N ASP B 44 12.72 6.52 -13.06
CA ASP B 44 11.46 6.23 -13.75
C ASP B 44 10.68 5.13 -13.05
N LYS B 45 11.38 4.18 -12.41
CA LYS B 45 10.70 3.13 -11.66
C LYS B 45 10.09 3.68 -10.39
N LEU B 46 10.83 4.55 -9.68
CA LEU B 46 10.24 5.25 -8.52
C LEU B 46 9.00 6.02 -8.93
N ASP B 47 9.02 6.64 -10.12
CA ASP B 47 7.85 7.40 -10.57
C ASP B 47 6.65 6.48 -10.75
N LYS B 48 6.86 5.28 -11.32
CA LYS B 48 5.76 4.35 -11.54
C LYS B 48 5.21 3.83 -10.22
N ILE B 49 6.11 3.57 -9.27
CA ILE B 49 5.70 3.15 -7.94
C ILE B 49 4.86 4.24 -7.29
N SER B 50 5.32 5.48 -7.38
CA SER B 50 4.59 6.58 -6.75
C SER B 50 3.24 6.79 -7.40
N GLU B 51 3.19 6.68 -8.74
CA GLU B 51 1.93 6.82 -9.46
C GLU B 51 0.92 5.76 -9.04
N SER B 52 1.37 4.51 -8.91
CA SER B 52 0.46 3.45 -8.51
C SER B 52 -0.01 3.65 -7.08
N LEU B 53 0.92 4.04 -6.20
CA LEU B 53 0.55 4.30 -4.82
C LEU B 53 -0.43 5.46 -4.71
N ASN B 54 -0.27 6.49 -5.55
CA ASN B 54 -1.22 7.60 -5.54
C ASN B 54 -2.63 7.14 -5.85
N THR B 55 -2.76 6.17 -6.77
CA THR B 55 -4.09 5.64 -7.09
C THR B 55 -4.75 4.99 -5.88
N LEU B 56 -3.98 4.24 -5.09
CA LEU B 56 -4.52 3.63 -3.88
C LEU B 56 -4.86 4.68 -2.82
N VAL B 57 -3.96 5.66 -2.63
CA VAL B 57 -4.17 6.63 -1.57
C VAL B 57 -5.30 7.61 -1.90
N GLU B 58 -5.66 7.76 -3.18
CA GLU B 58 -6.84 8.55 -3.52
C GLU B 58 -8.11 7.96 -2.92
N CYS B 59 -8.10 6.68 -2.55
CA CYS B 59 -9.25 6.07 -1.91
C CYS B 59 -9.42 6.43 -0.45
N VAL B 60 -8.41 7.02 0.19
CA VAL B 60 -8.51 7.38 1.59
C VAL B 60 -9.35 8.65 1.74
N ILE B 61 -10.37 8.58 2.59
CA ILE B 61 -11.23 9.71 2.92
C ILE B 61 -11.40 9.72 4.44
N ASP B 62 -11.03 10.83 5.08
CA ASP B 62 -11.20 11.00 6.52
C ASP B 62 -10.58 9.85 7.31
N LYS B 63 -9.34 9.50 6.97
CA LYS B 63 -8.58 8.43 7.63
C LYS B 63 -9.33 7.08 7.61
N ARG B 64 -10.11 6.83 6.56
CA ARG B 64 -10.67 5.52 6.29
C ARG B 64 -10.51 5.22 4.80
N LEU B 65 -10.30 3.96 4.46
CA LEU B 65 -10.15 3.58 3.05
C LEU B 65 -11.51 3.27 2.45
N ALA B 66 -11.88 3.99 1.39
CA ALA B 66 -13.14 3.72 0.71
C ALA B 66 -13.03 2.39 -0.04
N VAL B 67 -14.00 1.49 0.18
CA VAL B 67 -13.99 0.16 -0.40
C VAL B 67 -15.34 -0.12 -1.04
N SER B 68 -15.37 -1.12 -1.91
CA SER B 68 -16.60 -1.52 -2.57
C SER B 68 -16.82 -3.01 -2.39
N VAL B 69 -18.05 -3.40 -2.05
CA VAL B 69 -18.42 -4.80 -1.97
C VAL B 69 -19.49 -5.06 -3.01
N PRO B 70 -19.66 -6.31 -3.42
CA PRO B 70 -20.75 -6.64 -4.35
C PRO B 70 -22.09 -6.18 -3.77
N GLU B 71 -22.95 -5.66 -4.64
CA GLU B 71 -24.26 -5.12 -4.22
C GLU B 71 -25.38 -5.75 -5.03
N PRO B 72 -26.46 -6.16 -4.35
CA PRO B 72 -26.54 -6.18 -2.88
C PRO B 72 -25.75 -7.35 -2.30
N LEU B 73 -25.22 -7.16 -1.11
CA LEU B 73 -24.40 -8.19 -0.49
C LEU B 73 -25.28 -9.22 0.20
N PRO B 74 -25.10 -10.51 -0.09
CA PRO B 74 -25.89 -11.55 0.61
C PRO B 74 -25.47 -11.66 2.07
N VAL B 75 -26.46 -11.71 2.96
CA VAL B 75 -26.23 -11.82 4.39
C VAL B 75 -27.15 -12.89 4.98
N ARG B 76 -26.76 -13.41 6.14
CA ARG B 76 -27.58 -14.36 6.90
C ARG B 76 -27.82 -13.75 8.27
N VAL B 77 -29.09 -13.58 8.63
CA VAL B 77 -29.43 -12.96 9.91
C VAL B 77 -29.37 -14.02 11.00
N GLU B 78 -28.55 -13.78 12.01
CA GLU B 78 -28.30 -14.83 13.00
C GLU B 78 -29.18 -14.74 14.24
N ASN B 79 -29.86 -13.62 14.48
CA ASN B 79 -30.62 -13.45 15.72
C ASN B 79 -32.11 -13.29 15.46
N LYS B 80 -32.89 -13.35 16.54
CA LYS B 80 -34.30 -13.04 16.47
C LYS B 80 -34.48 -11.52 16.52
N VAL B 81 -35.27 -11.00 15.59
CA VAL B 81 -35.34 -9.57 15.30
C VAL B 81 -36.66 -9.02 15.81
N GLN B 82 -36.61 -7.90 16.53
CA GLN B 82 -37.84 -7.20 16.89
C GLN B 82 -38.32 -6.38 15.70
N VAL B 83 -39.61 -6.47 15.40
CA VAL B 83 -40.17 -5.76 14.24
C VAL B 83 -41.40 -5.00 14.66
N GLU B 84 -41.70 -3.93 13.90
CA GLU B 84 -42.93 -3.18 14.05
C GLU B 84 -43.67 -3.23 12.72
N VAL B 85 -44.87 -3.81 12.74
CA VAL B 85 -45.67 -3.92 11.54
C VAL B 85 -46.28 -2.55 11.24
N GLU B 86 -46.17 -2.09 9.99
CA GLU B 86 -46.58 -0.74 9.67
C GLU B 86 -47.86 -0.63 8.88
N ASP B 87 -48.29 -1.68 8.22
CA ASP B 87 -49.49 -1.57 7.41
C ASP B 87 -50.62 -2.32 8.08
N GLU B 88 -51.83 -2.13 7.57
CA GLU B 88 -52.94 -2.98 7.94
C GLU B 88 -52.72 -4.36 7.32
N VAL B 89 -53.04 -5.40 8.09
CA VAL B 89 -52.74 -6.77 7.70
C VAL B 89 -54.05 -7.51 7.45
N ARG B 90 -54.18 -8.08 6.25
CA ARG B 90 -55.31 -8.96 5.96
C ARG B 90 -55.09 -10.30 6.67
N VAL B 91 -56.13 -10.79 7.36
CA VAL B 91 -55.99 -12.01 8.14
C VAL B 91 -57.20 -12.92 7.92
N ARG B 92 -56.98 -14.20 8.15
CA ARG B 92 -58.01 -15.22 8.09
C ARG B 92 -58.01 -15.96 9.42
N VAL B 93 -59.13 -15.91 10.13
CA VAL B 93 -59.24 -16.54 11.44
C VAL B 93 -59.47 -18.03 11.25
N GLU B 94 -58.58 -18.85 11.82
CA GLU B 94 -58.62 -20.28 11.58
C GLU B 94 -59.40 -21.07 12.62
N ASN B 95 -59.65 -20.52 13.81
CA ASN B 95 -60.30 -21.26 14.88
C ASN B 95 -61.69 -20.71 15.16
N LYS B 96 -62.45 -21.45 15.96
CA LYS B 96 -63.74 -20.96 16.46
C LYS B 96 -63.52 -20.03 17.65
N VAL B 97 -64.08 -18.83 17.58
CA VAL B 97 -63.77 -17.75 18.51
C VAL B 97 -64.85 -17.66 19.57
N ASP B 98 -64.45 -17.69 20.84
CA ASP B 98 -65.37 -17.36 21.92
C ASP B 98 -65.70 -15.87 21.87
N VAL B 99 -66.98 -15.53 21.94
CA VAL B 99 -67.39 -14.13 21.89
C VAL B 99 -68.33 -13.82 23.06
N GLU B 100 -68.26 -12.58 23.51
CA GLU B 100 -69.17 -12.03 24.52
C GLU B 100 -70.03 -10.99 23.80
N VAL B 101 -71.32 -11.31 23.60
CA VAL B 101 -72.20 -10.37 22.91
C VAL B 101 -72.55 -9.23 23.86
N LYS B 102 -72.31 -8.00 23.41
CA LYS B 102 -72.39 -6.84 24.29
C LYS B 102 -73.68 -6.05 24.16
N ASN B 103 -74.50 -6.32 23.14
CA ASN B 103 -75.74 -5.59 22.93
C ASN B 103 -76.65 -5.59 24.16
N MET C 3 62.91 18.08 -3.52
CA MET C 3 63.81 18.15 -4.69
C MET C 3 63.17 18.64 -5.99
N PRO C 4 61.92 18.27 -6.31
CA PRO C 4 61.28 18.86 -7.49
C PRO C 4 61.14 20.36 -7.32
N SER C 5 61.42 21.10 -8.39
CA SER C 5 61.37 22.55 -8.31
C SER C 5 59.95 23.00 -8.00
N GLU C 6 59.84 24.14 -7.32
CA GLU C 6 58.51 24.65 -6.98
C GLU C 6 57.70 24.94 -8.23
N ASP C 7 58.35 25.50 -9.26
CA ASP C 7 57.65 25.74 -10.51
C ASP C 7 57.05 24.46 -11.07
N TYR C 8 57.84 23.38 -11.15
CA TYR C 8 57.30 22.12 -11.64
C TYR C 8 56.17 21.62 -10.75
N ALA C 9 56.41 21.65 -9.42
CA ALA C 9 55.40 21.14 -8.50
C ALA C 9 54.09 21.90 -8.64
N ILE C 10 54.16 23.22 -8.80
CA ILE C 10 52.96 24.02 -9.03
C ILE C 10 52.24 23.57 -10.29
N TRP C 11 53.00 23.48 -11.40
CA TRP C 11 52.40 23.07 -12.66
C TRP C 11 51.78 21.68 -12.55
N TYR C 12 52.48 20.76 -11.88
CA TYR C 12 51.98 19.39 -11.76
C TYR C 12 50.62 19.35 -11.08
N ALA C 13 50.48 20.05 -9.94
CA ALA C 13 49.20 20.05 -9.24
C ALA C 13 48.09 20.63 -10.11
N ARG C 14 48.37 21.76 -10.78
CA ARG C 14 47.37 22.43 -11.59
C ARG C 14 46.99 21.57 -12.80
N ALA C 15 47.99 21.01 -13.48
CA ALA C 15 47.73 20.19 -14.65
C ALA C 15 47.02 18.89 -14.28
N THR C 16 47.37 18.30 -13.14
CA THR C 16 46.71 17.06 -12.73
C THR C 16 45.25 17.30 -12.38
N ILE C 17 44.96 18.38 -11.64
CA ILE C 17 43.56 18.70 -11.33
C ILE C 17 42.78 18.96 -12.60
N ALA C 18 43.37 19.68 -13.56
CA ALA C 18 42.67 19.97 -14.80
C ALA C 18 42.33 18.68 -15.55
N ALA C 19 43.26 17.73 -15.57
CA ALA C 19 43.00 16.47 -16.26
C ALA C 19 41.91 15.68 -15.55
N LEU C 20 42.01 15.57 -14.22
CA LEU C 20 40.99 14.84 -13.46
C LEU C 20 39.59 15.41 -13.70
N GLN C 21 39.47 16.72 -13.83
CA GLN C 21 38.15 17.30 -14.03
C GLN C 21 37.69 17.24 -15.49
N ALA C 22 38.62 17.16 -16.43
CA ALA C 22 38.25 17.05 -17.83
C ALA C 22 37.72 15.65 -18.15
N ALA C 23 38.18 14.63 -17.43
CA ALA C 23 37.81 13.26 -17.71
C ALA C 23 36.47 12.89 -17.08
N GLU C 24 35.90 11.77 -17.54
CA GLU C 24 34.74 11.14 -16.93
C GLU C 24 35.08 9.71 -16.55
N TYR C 25 34.35 9.16 -15.58
CA TYR C 25 34.79 7.97 -14.87
C TYR C 25 33.75 6.86 -14.99
N ARG C 26 34.19 5.71 -15.51
CA ARG C 26 33.35 4.53 -15.70
C ARG C 26 33.57 3.56 -14.55
N LEU C 27 32.51 3.33 -13.77
CA LEU C 27 32.57 2.45 -12.62
C LEU C 27 32.68 0.99 -13.05
N ALA C 28 33.54 0.25 -12.35
CA ALA C 28 33.65 -1.19 -12.52
C ALA C 28 32.74 -1.89 -11.50
N MET C 29 32.79 -3.20 -11.42
CA MET C 29 32.06 -3.82 -10.33
C MET C 29 32.69 -3.37 -9.02
N PRO C 30 31.90 -2.96 -8.04
CA PRO C 30 32.49 -2.50 -6.77
C PRO C 30 33.19 -3.61 -6.01
N SER C 31 34.06 -3.19 -5.09
CA SER C 31 34.70 -4.12 -4.17
C SER C 31 33.65 -4.82 -3.30
N ALA C 32 34.05 -5.97 -2.74
CA ALA C 32 33.16 -6.67 -1.82
C ALA C 32 32.83 -5.81 -0.59
N SER C 33 33.76 -4.97 -0.16
CA SER C 33 33.48 -4.07 0.95
C SER C 33 32.38 -3.07 0.59
N TYR C 34 32.40 -2.53 -0.63
CA TYR C 34 31.31 -1.64 -1.03
C TYR C 34 29.99 -2.40 -1.14
N THR C 35 30.00 -3.57 -1.77
CA THR C 35 28.71 -4.23 -1.99
C THR C 35 28.12 -4.71 -0.68
N ALA C 36 28.95 -5.08 0.29
CA ALA C 36 28.46 -5.43 1.62
C ALA C 36 27.75 -4.24 2.27
N TRP C 37 28.42 -3.09 2.28
CA TRP C 37 27.80 -1.85 2.75
C TRP C 37 26.51 -1.56 1.99
N PHE C 38 26.54 -1.64 0.67
CA PHE C 38 25.37 -1.25 -0.12
C PHE C 38 24.22 -2.23 0.10
N THR C 39 24.54 -3.51 0.32
CA THR C 39 23.51 -4.50 0.61
C THR C 39 22.78 -4.15 1.90
N ASP C 40 23.53 -3.72 2.92
CA ASP C 40 22.94 -3.31 4.18
C ASP C 40 22.17 -2.01 4.04
N ALA C 41 22.71 -1.06 3.27
CA ALA C 41 22.12 0.27 3.19
C ALA C 41 20.89 0.32 2.27
N VAL C 42 20.78 -0.60 1.31
CA VAL C 42 19.76 -0.50 0.29
C VAL C 42 19.10 -1.85 0.01
N SER C 43 19.87 -2.82 -0.52
CA SER C 43 19.28 -3.98 -1.18
C SER C 43 18.49 -4.84 -0.21
N ASP C 44 19.03 -5.06 1.00
CA ASP C 44 18.33 -5.88 1.98
C ASP C 44 17.03 -5.21 2.41
N LYS C 45 17.03 -3.87 2.46
CA LYS C 45 15.81 -3.13 2.80
C LYS C 45 14.77 -3.26 1.69
N LEU C 46 15.21 -3.25 0.42
CA LEU C 46 14.29 -3.50 -0.68
C LEU C 46 13.68 -4.90 -0.58
N ASP C 47 14.50 -5.89 -0.19
CA ASP C 47 14.00 -7.25 -0.09
C ASP C 47 12.91 -7.34 0.98
N LYS C 48 13.11 -6.63 2.10
CA LYS C 48 12.10 -6.63 3.17
C LYS C 48 10.82 -5.94 2.72
N ILE C 49 10.95 -4.80 2.02
CA ILE C 49 9.78 -4.09 1.49
C ILE C 49 9.03 -4.98 0.49
N SER C 50 9.76 -5.68 -0.37
CA SER C 50 9.14 -6.56 -1.34
C SER C 50 8.44 -7.74 -0.66
N GLU C 51 9.07 -8.29 0.38
CA GLU C 51 8.45 -9.38 1.13
C GLU C 51 7.15 -8.94 1.79
N SER C 52 7.14 -7.74 2.38
CA SER C 52 5.93 -7.25 3.03
C SER C 52 4.82 -6.99 2.02
N LEU C 53 5.16 -6.33 0.92
CA LEU C 53 4.18 -6.11 -0.14
C LEU C 53 3.57 -7.43 -0.61
N ASN C 54 4.41 -8.44 -0.82
CA ASN C 54 3.92 -9.74 -1.29
C ASN C 54 2.91 -10.33 -0.31
N THR C 55 3.12 -10.16 0.99
CA THR C 55 2.16 -10.67 1.97
C THR C 55 0.80 -10.03 1.78
N LEU C 56 0.78 -8.73 1.49
CA LEU C 56 -0.48 -8.04 1.24
C LEU C 56 -1.10 -8.49 -0.08
N VAL C 57 -0.28 -8.59 -1.13
CA VAL C 57 -0.82 -8.89 -2.45
C VAL C 57 -1.30 -10.34 -2.58
N GLU C 58 -0.82 -11.25 -1.72
CA GLU C 58 -1.38 -12.60 -1.71
C GLU C 58 -2.84 -12.62 -1.29
N CYS C 59 -3.33 -11.52 -0.70
CA CYS C 59 -4.75 -11.37 -0.36
C CYS C 59 -5.62 -11.06 -1.56
N VAL C 60 -5.03 -10.72 -2.70
CA VAL C 60 -5.78 -10.32 -3.88
C VAL C 60 -6.24 -11.57 -4.62
N ILE C 61 -7.55 -11.71 -4.83
CA ILE C 61 -8.11 -12.81 -5.60
C ILE C 61 -9.18 -12.27 -6.54
N ASP C 62 -9.06 -12.59 -7.82
CA ASP C 62 -10.07 -12.16 -8.82
C ASP C 62 -10.23 -10.64 -8.81
N LYS C 63 -9.09 -9.94 -8.68
CA LYS C 63 -9.05 -8.47 -8.77
C LYS C 63 -9.86 -7.81 -7.65
N ARG C 64 -9.97 -8.50 -6.52
CA ARG C 64 -10.55 -7.96 -5.31
C ARG C 64 -9.63 -8.33 -4.15
N LEU C 65 -9.54 -7.45 -3.16
CA LEU C 65 -8.75 -7.72 -1.96
C LEU C 65 -9.62 -8.47 -0.96
N ALA C 66 -9.23 -9.69 -0.62
CA ALA C 66 -9.97 -10.46 0.38
C ALA C 66 -9.79 -9.81 1.75
N VAL C 67 -10.90 -9.54 2.44
CA VAL C 67 -10.88 -8.91 3.75
C VAL C 67 -11.70 -9.73 4.75
N SER C 68 -11.55 -9.38 6.02
CA SER C 68 -12.22 -10.08 7.11
C SER C 68 -12.86 -9.07 8.05
N VAL C 69 -14.09 -9.34 8.44
CA VAL C 69 -14.87 -8.46 9.32
C VAL C 69 -15.27 -9.27 10.55
N PRO C 70 -15.63 -8.60 11.65
CA PRO C 70 -16.09 -9.34 12.82
C PRO C 70 -17.35 -10.12 12.45
N GLU C 71 -17.51 -11.29 13.06
CA GLU C 71 -18.69 -12.11 12.75
C GLU C 71 -19.34 -12.64 14.01
N PRO C 72 -20.67 -12.50 14.14
CA PRO C 72 -21.56 -11.90 13.14
C PRO C 72 -21.39 -10.38 13.09
N LEU C 73 -21.54 -9.81 11.91
CA LEU C 73 -21.34 -8.37 11.77
C LEU C 73 -22.53 -7.62 12.34
N PRO C 74 -22.33 -6.70 13.28
CA PRO C 74 -23.47 -5.91 13.78
C PRO C 74 -23.99 -4.94 12.72
N VAL C 75 -25.31 -4.96 12.51
CA VAL C 75 -25.95 -4.12 11.50
C VAL C 75 -27.21 -3.50 12.08
N ARG C 76 -27.62 -2.37 11.48
CA ARG C 76 -28.91 -1.73 11.73
C ARG C 76 -29.64 -1.62 10.40
N VAL C 77 -30.86 -2.16 10.33
CA VAL C 77 -31.67 -2.08 9.12
C VAL C 77 -32.34 -0.72 9.06
N GLU C 78 -32.09 0.05 8.00
CA GLU C 78 -32.56 1.41 7.90
C GLU C 78 -33.87 1.58 7.13
N ASN C 79 -34.40 0.54 6.49
CA ASN C 79 -35.59 0.70 5.65
C ASN C 79 -36.73 -0.17 6.16
N LYS C 80 -37.91 0.07 5.59
CA LYS C 80 -39.08 -0.77 5.86
C LYS C 80 -39.04 -2.00 4.97
N VAL C 81 -38.98 -3.18 5.59
CA VAL C 81 -38.72 -4.45 4.89
C VAL C 81 -40.04 -5.14 4.59
N GLN C 82 -40.20 -5.61 3.35
CA GLN C 82 -41.36 -6.44 3.03
C GLN C 82 -41.13 -7.85 3.54
N VAL C 83 -42.13 -8.41 4.22
CA VAL C 83 -41.97 -9.73 4.78
C VAL C 83 -43.14 -10.61 4.37
N GLU C 84 -42.90 -11.92 4.41
CA GLU C 84 -43.91 -12.93 4.17
C GLU C 84 -43.99 -13.79 5.41
N VAL C 85 -45.15 -13.80 6.06
CA VAL C 85 -45.29 -14.50 7.32
C VAL C 85 -45.57 -15.97 7.03
N GLU C 86 -44.74 -16.86 7.58
CA GLU C 86 -44.81 -18.26 7.22
C GLU C 86 -45.61 -19.12 8.19
N ASP C 87 -45.79 -18.70 9.44
CA ASP C 87 -46.56 -19.52 10.36
C ASP C 87 -47.93 -18.91 10.62
N GLU C 88 -48.84 -19.73 11.11
CA GLU C 88 -50.05 -19.22 11.72
C GLU C 88 -49.66 -18.44 12.97
N VAL C 89 -50.33 -17.31 13.19
CA VAL C 89 -49.96 -16.38 14.27
C VAL C 89 -51.03 -16.41 15.35
N ARG C 90 -50.60 -16.55 16.59
CA ARG C 90 -51.52 -16.40 17.72
C ARG C 90 -51.78 -14.92 17.93
N VAL C 91 -53.04 -14.54 18.11
CA VAL C 91 -53.38 -13.13 18.24
C VAL C 91 -54.30 -12.92 19.44
N ARG C 92 -54.25 -11.71 19.98
CA ARG C 92 -55.15 -11.26 21.03
C ARG C 92 -55.91 -10.05 20.50
N VAL C 93 -57.21 -10.19 20.34
CA VAL C 93 -58.04 -9.12 19.80
C VAL C 93 -58.31 -8.10 20.91
N GLU C 94 -57.99 -6.84 20.66
CA GLU C 94 -58.00 -5.82 21.70
C GLU C 94 -59.24 -4.94 21.71
N ASN C 95 -60.03 -4.92 20.64
CA ASN C 95 -61.17 -4.03 20.57
C ASN C 95 -62.48 -4.81 20.48
N LYS C 96 -63.58 -4.08 20.66
CA LYS C 96 -64.90 -4.64 20.48
C LYS C 96 -65.21 -4.67 18.98
N VAL C 97 -65.62 -5.83 18.48
CA VAL C 97 -65.71 -6.04 17.04
C VAL C 97 -67.17 -6.00 16.61
N ASP C 98 -67.46 -5.19 15.59
CA ASP C 98 -68.76 -5.25 14.95
C ASP C 98 -68.87 -6.55 14.16
N VAL C 99 -70.01 -7.24 14.28
CA VAL C 99 -70.18 -8.51 13.60
C VAL C 99 -71.54 -8.56 12.91
N GLU C 100 -71.60 -9.29 11.80
CA GLU C 100 -72.82 -9.59 11.07
C GLU C 100 -73.12 -11.07 11.26
N VAL C 101 -74.22 -11.38 11.94
CA VAL C 101 -74.58 -12.78 12.17
C VAL C 101 -75.19 -13.34 10.90
N LYS C 102 -74.58 -14.41 10.37
CA LYS C 102 -75.01 -14.99 9.11
C LYS C 102 -75.84 -16.26 9.24
N ASN C 103 -75.82 -16.93 10.40
CA ASN C 103 -76.59 -18.17 10.53
C ASN C 103 -78.08 -17.86 10.61
N MET D 3 58.40 25.95 -15.16
CA MET D 3 57.37 25.00 -15.59
C MET D 3 57.79 24.36 -16.92
N PRO D 4 57.31 23.14 -17.18
CA PRO D 4 57.67 22.45 -18.43
C PRO D 4 57.16 23.19 -19.65
N SER D 5 57.57 22.70 -20.82
CA SER D 5 57.22 23.35 -22.08
C SER D 5 55.75 23.11 -22.42
N GLU D 6 55.25 23.92 -23.36
CA GLU D 6 53.84 23.77 -23.74
C GLU D 6 53.60 22.42 -24.37
N ASP D 7 54.56 21.92 -25.17
CA ASP D 7 54.43 20.61 -25.79
C ASP D 7 54.35 19.51 -24.73
N TYR D 8 55.17 19.60 -23.69
CA TYR D 8 55.09 18.61 -22.62
C TYR D 8 53.76 18.69 -21.89
N ALA D 9 53.30 19.91 -21.58
CA ALA D 9 52.03 20.06 -20.88
C ALA D 9 50.88 19.51 -21.72
N ILE D 10 50.90 19.72 -23.03
CA ILE D 10 49.84 19.20 -23.89
C ILE D 10 49.89 17.68 -23.91
N TRP D 11 51.09 17.11 -24.06
CA TRP D 11 51.23 15.66 -23.99
C TRP D 11 50.66 15.12 -22.68
N TYR D 12 51.04 15.73 -21.56
CA TYR D 12 50.63 15.22 -20.25
C TYR D 12 49.12 15.27 -20.09
N ALA D 13 48.50 16.38 -20.51
CA ALA D 13 47.05 16.49 -20.38
C ALA D 13 46.35 15.39 -21.19
N ARG D 14 46.76 15.21 -22.45
CA ARG D 14 46.10 14.21 -23.30
C ARG D 14 46.35 12.79 -22.79
N ALA D 15 47.60 12.47 -22.46
CA ALA D 15 47.92 11.12 -21.99
C ALA D 15 47.22 10.83 -20.67
N THR D 16 47.13 11.82 -19.78
CA THR D 16 46.50 11.56 -18.48
C THR D 16 44.98 11.39 -18.61
N ILE D 17 44.33 12.26 -19.39
CA ILE D 17 42.89 12.08 -19.64
C ILE D 17 42.63 10.74 -20.32
N ALA D 18 43.44 10.39 -21.31
CA ALA D 18 43.26 9.10 -21.98
C ALA D 18 43.36 7.95 -20.99
N ALA D 19 44.32 8.02 -20.08
CA ALA D 19 44.48 6.97 -19.08
C ALA D 19 43.28 6.94 -18.14
N LEU D 20 42.86 8.09 -17.64
CA LEU D 20 41.72 8.13 -16.72
C LEU D 20 40.47 7.55 -17.36
N GLN D 21 40.29 7.75 -18.66
CA GLN D 21 39.07 7.29 -19.30
C GLN D 21 39.19 5.85 -19.82
N ALA D 22 40.41 5.35 -19.97
CA ALA D 22 40.61 3.94 -20.34
C ALA D 22 40.38 3.01 -19.15
N ALA D 23 40.57 3.49 -17.92
CA ALA D 23 40.43 2.67 -16.73
C ALA D 23 38.97 2.57 -16.30
N GLU D 24 38.70 1.58 -15.44
CA GLU D 24 37.43 1.44 -14.76
C GLU D 24 37.71 1.45 -13.27
N TYR D 25 36.73 1.90 -12.48
CA TYR D 25 36.97 2.33 -11.10
C TYR D 25 36.17 1.46 -10.14
N ARG D 26 36.87 0.79 -9.24
CA ARG D 26 36.28 -0.11 -8.25
C ARG D 26 36.06 0.65 -6.94
N LEU D 27 34.80 0.81 -6.54
CA LEU D 27 34.53 1.56 -5.31
C LEU D 27 34.91 0.75 -4.09
N ALA D 28 35.52 1.42 -3.12
CA ALA D 28 35.78 0.88 -1.79
C ALA D 28 34.61 1.19 -0.87
N MET D 29 34.71 0.77 0.40
CA MET D 29 33.80 1.31 1.40
C MET D 29 33.84 2.83 1.34
N PRO D 30 32.68 3.51 1.31
CA PRO D 30 32.70 4.97 1.26
C PRO D 30 33.17 5.56 2.57
N SER D 31 33.50 6.85 2.52
CA SER D 31 33.89 7.58 3.72
C SER D 31 32.72 7.69 4.69
N ALA D 32 33.03 7.97 5.95
CA ALA D 32 31.98 8.18 6.93
C ALA D 32 31.08 9.34 6.53
N SER D 33 31.67 10.40 5.95
CA SER D 33 30.88 11.53 5.50
C SER D 33 29.90 11.12 4.39
N TYR D 34 30.36 10.33 3.41
CA TYR D 34 29.45 9.85 2.39
C TYR D 34 28.35 8.98 2.98
N THR D 35 28.70 8.09 3.91
CA THR D 35 27.67 7.17 4.39
C THR D 35 26.66 7.90 5.25
N ALA D 36 27.10 8.88 6.05
CA ALA D 36 26.14 9.67 6.81
C ALA D 36 25.16 10.41 5.89
N TRP D 37 25.68 11.02 4.82
CA TRP D 37 24.80 11.68 3.84
C TRP D 37 23.86 10.68 3.19
N PHE D 38 24.39 9.52 2.79
CA PHE D 38 23.56 8.53 2.09
C PHE D 38 22.53 7.92 3.03
N THR D 39 22.88 7.78 4.32
CA THR D 39 21.92 7.28 5.30
C THR D 39 20.72 8.21 5.41
N ASP D 40 20.96 9.53 5.37
CA ASP D 40 19.86 10.49 5.44
C ASP D 40 19.10 10.56 4.12
N ALA D 41 19.82 10.46 3.00
CA ALA D 41 19.19 10.65 1.69
C ALA D 41 18.39 9.45 1.25
N VAL D 42 18.76 8.24 1.70
CA VAL D 42 18.16 7.00 1.19
C VAL D 42 17.75 6.06 2.30
N SER D 43 18.72 5.57 3.09
CA SER D 43 18.47 4.40 3.94
C SER D 43 17.42 4.69 5.01
N ASP D 44 17.49 5.86 5.63
CA ASP D 44 16.52 6.20 6.68
C ASP D 44 15.11 6.27 6.11
N LYS D 45 14.98 6.76 4.88
CA LYS D 45 13.67 6.83 4.25
C LYS D 45 13.15 5.42 3.93
N LEU D 46 14.04 4.52 3.49
CA LEU D 46 13.62 3.13 3.31
C LEU D 46 13.14 2.52 4.61
N ASP D 47 13.82 2.83 5.73
CA ASP D 47 13.36 2.32 7.01
C ASP D 47 11.95 2.79 7.32
N LYS D 48 11.64 4.08 7.06
CA LYS D 48 10.30 4.58 7.34
C LYS D 48 9.26 3.93 6.44
N ILE D 49 9.62 3.72 5.18
CA ILE D 49 8.70 3.03 4.27
C ILE D 49 8.42 1.62 4.74
N SER D 50 9.48 0.91 5.13
CA SER D 50 9.35 -0.45 5.63
C SER D 50 8.54 -0.49 6.92
N GLU D 51 8.77 0.48 7.81
CA GLU D 51 8.02 0.52 9.07
C GLU D 51 6.52 0.73 8.81
N SER D 52 6.18 1.61 7.86
CA SER D 52 4.77 1.83 7.53
C SER D 52 4.14 0.61 6.90
N LEU D 53 4.85 -0.06 5.99
CA LEU D 53 4.33 -1.29 5.39
C LEU D 53 4.13 -2.38 6.43
N ASN D 54 5.05 -2.49 7.39
CA ASN D 54 4.91 -3.47 8.47
C ASN D 54 3.59 -3.28 9.21
N THR D 55 3.22 -2.02 9.49
CA THR D 55 1.98 -1.75 10.22
C THR D 55 0.76 -2.23 9.44
N LEU D 56 0.77 -2.03 8.13
CA LEU D 56 -0.33 -2.49 7.29
C LEU D 56 -0.35 -4.01 7.21
N VAL D 57 0.81 -4.63 7.04
CA VAL D 57 0.88 -6.07 6.85
C VAL D 57 0.54 -6.84 8.12
N GLU D 58 0.72 -6.22 9.30
CA GLU D 58 0.24 -6.84 10.54
C GLU D 58 -1.27 -7.07 10.52
N CYS D 59 -2.01 -6.43 9.63
CA CYS D 59 -3.44 -6.66 9.57
C CYS D 59 -3.79 -7.92 8.80
N VAL D 60 -2.82 -8.57 8.16
CA VAL D 60 -3.07 -9.71 7.27
C VAL D 60 -3.00 -11.00 8.08
N ILE D 61 -4.02 -11.86 7.94
CA ILE D 61 -4.02 -13.19 8.54
C ILE D 61 -4.60 -14.19 7.54
N ASP D 62 -3.83 -15.22 7.18
CA ASP D 62 -4.27 -16.26 6.24
C ASP D 62 -4.84 -15.68 4.95
N LYS D 63 -4.10 -14.75 4.37
CA LYS D 63 -4.39 -14.16 3.06
C LYS D 63 -5.72 -13.41 3.05
N ARG D 64 -6.10 -12.81 4.19
CA ARG D 64 -7.19 -11.86 4.25
C ARG D 64 -6.76 -10.68 5.12
N LEU D 65 -7.08 -9.48 4.67
CA LEU D 65 -6.77 -8.25 5.42
C LEU D 65 -7.90 -7.96 6.40
N ALA D 66 -7.59 -7.91 7.70
CA ALA D 66 -8.60 -7.55 8.69
C ALA D 66 -9.01 -6.09 8.53
N VAL D 67 -10.31 -5.82 8.43
CA VAL D 67 -10.81 -4.46 8.26
C VAL D 67 -11.85 -4.17 9.34
N SER D 68 -12.15 -2.88 9.51
CA SER D 68 -13.14 -2.43 10.48
C SER D 68 -14.14 -1.51 9.81
N VAL D 69 -15.43 -1.76 10.02
CA VAL D 69 -16.50 -0.91 9.49
C VAL D 69 -17.22 -0.26 10.67
N PRO D 70 -18.01 0.79 10.45
CA PRO D 70 -18.80 1.35 11.55
C PRO D 70 -19.62 0.26 12.22
N GLU D 71 -19.70 0.34 13.55
CA GLU D 71 -20.47 -0.60 14.35
C GLU D 71 -21.57 0.12 15.13
N PRO D 72 -22.83 -0.24 14.88
CA PRO D 72 -23.29 -1.21 13.89
C PRO D 72 -23.31 -0.61 12.50
N LEU D 73 -23.36 -1.44 11.49
CA LEU D 73 -23.30 -0.94 10.12
C LEU D 73 -24.71 -0.70 9.58
N PRO D 74 -25.02 0.49 9.07
CA PRO D 74 -26.34 0.72 8.45
C PRO D 74 -26.46 -0.06 7.14
N VAL D 75 -27.50 -0.89 7.06
CA VAL D 75 -27.79 -1.67 5.86
C VAL D 75 -29.22 -1.41 5.40
N ARG D 76 -29.47 -1.75 4.14
CA ARG D 76 -30.79 -1.66 3.54
C ARG D 76 -31.15 -3.03 2.96
N VAL D 77 -32.25 -3.61 3.43
CA VAL D 77 -32.65 -4.94 2.97
C VAL D 77 -33.45 -4.78 1.69
N GLU D 78 -32.98 -5.42 0.62
CA GLU D 78 -33.58 -5.21 -0.69
C GLU D 78 -34.61 -6.26 -1.09
N ASN D 79 -34.61 -7.44 -0.48
CA ASN D 79 -35.50 -8.50 -0.90
C ASN D 79 -36.66 -8.67 0.08
N LYS D 80 -37.66 -9.42 -0.35
CA LYS D 80 -38.78 -9.78 0.50
C LYS D 80 -38.37 -10.96 1.38
N VAL D 81 -38.51 -10.80 2.69
CA VAL D 81 -37.91 -11.73 3.66
C VAL D 81 -38.98 -12.66 4.21
N GLN D 82 -38.72 -13.96 4.17
CA GLN D 82 -39.52 -14.94 4.90
C GLN D 82 -39.29 -14.78 6.39
N VAL D 83 -40.37 -14.70 7.16
CA VAL D 83 -40.26 -14.50 8.60
C VAL D 83 -41.19 -15.46 9.34
N GLU D 84 -40.80 -15.77 10.57
CA GLU D 84 -41.56 -16.63 11.47
C GLU D 84 -41.86 -15.82 12.73
N VAL D 85 -43.13 -15.52 12.96
CA VAL D 85 -43.54 -14.74 14.12
C VAL D 85 -43.51 -15.63 15.35
N GLU D 86 -42.79 -15.21 16.38
CA GLU D 86 -42.59 -16.07 17.55
C GLU D 86 -43.46 -15.70 18.75
N ASP D 87 -44.10 -14.54 18.76
CA ASP D 87 -44.89 -14.16 19.92
C ASP D 87 -46.37 -14.05 19.55
N GLU D 88 -47.20 -14.02 20.59
CA GLU D 88 -48.58 -13.63 20.46
C GLU D 88 -48.65 -12.15 20.07
N VAL D 89 -49.53 -11.80 19.15
CA VAL D 89 -49.61 -10.45 18.59
C VAL D 89 -50.94 -9.82 18.99
N ARG D 90 -50.87 -8.59 19.52
CA ARG D 90 -52.07 -7.82 19.83
C ARG D 90 -52.60 -7.19 18.54
N VAL D 91 -53.88 -7.39 18.26
CA VAL D 91 -54.46 -6.89 17.01
C VAL D 91 -55.74 -6.09 17.28
N ARG D 92 -56.01 -5.15 16.38
CA ARG D 92 -57.19 -4.32 16.39
C ARG D 92 -57.94 -4.60 15.10
N VAL D 93 -59.13 -5.18 15.21
CA VAL D 93 -59.92 -5.55 14.03
C VAL D 93 -60.60 -4.31 13.50
N GLU D 94 -60.34 -3.99 12.23
CA GLU D 94 -60.80 -2.71 11.68
C GLU D 94 -62.12 -2.78 10.93
N ASN D 95 -62.62 -3.97 10.59
CA ASN D 95 -63.82 -4.10 9.76
C ASN D 95 -64.92 -4.84 10.51
N LYS D 96 -66.13 -4.78 9.94
CA LYS D 96 -67.26 -5.57 10.43
C LYS D 96 -67.11 -7.01 9.92
N VAL D 97 -67.23 -7.97 10.83
CA VAL D 97 -66.86 -9.36 10.57
C VAL D 97 -68.13 -10.20 10.44
N ASP D 98 -68.19 -11.00 9.37
CA ASP D 98 -69.27 -11.98 9.23
C ASP D 98 -68.99 -13.16 10.16
N VAL D 99 -69.99 -13.54 10.95
CA VAL D 99 -69.83 -14.61 11.93
C VAL D 99 -70.93 -15.64 11.76
N GLU D 100 -70.61 -16.89 12.07
CA GLU D 100 -71.57 -17.97 12.18
C GLU D 100 -71.58 -18.43 13.62
N VAL D 101 -72.74 -18.32 14.27
CA VAL D 101 -72.87 -18.72 15.67
C VAL D 101 -73.04 -20.24 15.70
N LYS D 102 -72.12 -20.91 16.37
CA LYS D 102 -72.18 -22.34 16.59
C LYS D 102 -73.01 -22.73 17.81
N ASN D 103 -73.80 -21.80 18.35
CA ASN D 103 -74.69 -22.09 19.47
C ASN D 103 -76.09 -22.42 18.96
N MET E 3 57.40 17.07 -24.22
CA MET E 3 58.55 16.41 -24.82
C MET E 3 59.21 15.34 -23.95
N PRO E 4 58.47 14.30 -23.58
CA PRO E 4 59.13 13.10 -23.05
C PRO E 4 59.48 12.16 -24.20
N SER E 5 60.45 11.28 -23.93
CA SER E 5 60.80 10.27 -24.91
C SER E 5 59.59 9.39 -25.20
N GLU E 6 59.61 8.75 -26.36
CA GLU E 6 58.50 7.89 -26.71
C GLU E 6 58.39 6.71 -25.74
N ASP E 7 59.52 6.11 -25.37
CA ASP E 7 59.51 5.04 -24.39
C ASP E 7 58.82 5.47 -23.09
N TYR E 8 59.16 6.67 -22.63
CA TYR E 8 58.55 7.16 -21.40
C TYR E 8 57.04 7.39 -21.57
N ALA E 9 56.66 7.98 -22.72
CA ALA E 9 55.23 8.21 -22.98
C ALA E 9 54.46 6.89 -23.05
N ILE E 10 55.03 5.89 -23.72
CA ILE E 10 54.37 4.58 -23.78
C ILE E 10 54.27 3.98 -22.38
N TRP E 11 55.37 4.03 -21.63
CA TRP E 11 55.32 3.50 -20.26
C TRP E 11 54.29 4.23 -19.42
N TYR E 12 54.26 5.56 -19.49
CA TYR E 12 53.38 6.32 -18.60
C TYR E 12 51.91 5.97 -18.84
N ALA E 13 51.53 5.75 -20.09
CA ALA E 13 50.15 5.38 -20.38
C ALA E 13 49.80 4.04 -19.75
N ARG E 14 50.67 3.05 -19.91
CA ARG E 14 50.37 1.71 -19.41
C ARG E 14 50.43 1.68 -17.89
N ALA E 15 51.42 2.33 -17.29
CA ALA E 15 51.56 2.29 -15.84
C ALA E 15 50.44 3.05 -15.15
N THR E 16 49.96 4.13 -15.75
CA THR E 16 48.90 4.91 -15.10
C THR E 16 47.58 4.15 -15.13
N ILE E 17 47.24 3.55 -16.28
CA ILE E 17 46.05 2.69 -16.35
C ILE E 17 46.14 1.57 -15.31
N ALA E 18 47.31 0.93 -15.22
CA ALA E 18 47.48 -0.16 -14.26
C ALA E 18 47.25 0.31 -12.83
N ALA E 19 47.77 1.49 -12.46
CA ALA E 19 47.60 1.95 -11.09
C ALA E 19 46.14 2.31 -10.82
N LEU E 20 45.49 2.93 -11.80
CA LEU E 20 44.08 3.29 -11.64
C LEU E 20 43.21 2.06 -11.46
N GLN E 21 43.47 1.00 -12.23
CA GLN E 21 42.64 -0.20 -12.12
C GLN E 21 42.91 -0.97 -10.84
N ALA E 22 44.13 -0.89 -10.32
CA ALA E 22 44.48 -1.64 -9.10
C ALA E 22 43.91 -0.99 -7.84
N ALA E 23 43.79 0.32 -7.79
CA ALA E 23 43.27 1.03 -6.63
C ALA E 23 41.77 0.79 -6.46
N GLU E 24 41.29 1.01 -5.22
CA GLU E 24 39.87 1.17 -4.93
C GLU E 24 39.61 2.60 -4.47
N TYR E 25 38.37 3.06 -4.59
CA TYR E 25 38.07 4.48 -4.52
C TYR E 25 37.03 4.76 -3.44
N ARG E 26 37.43 5.57 -2.45
CA ARG E 26 36.58 5.92 -1.31
C ARG E 26 35.84 7.22 -1.61
N LEU E 27 34.50 7.15 -1.69
CA LEU E 27 33.71 8.34 -1.98
C LEU E 27 33.69 9.29 -0.77
N ALA E 28 33.91 10.57 -1.03
CA ALA E 28 33.74 11.61 -0.02
C ALA E 28 32.29 12.08 -0.02
N MET E 29 31.97 13.02 0.87
CA MET E 29 30.74 13.77 0.73
C MET E 29 30.63 14.30 -0.69
N PRO E 30 29.53 14.05 -1.40
CA PRO E 30 29.41 14.55 -2.78
C PRO E 30 29.33 16.07 -2.83
N SER E 31 29.60 16.63 -4.01
CA SER E 31 29.42 18.05 -4.24
C SER E 31 27.96 18.45 -4.08
N ALA E 32 27.74 19.75 -3.85
CA ALA E 32 26.36 20.25 -3.79
C ALA E 32 25.61 20.01 -5.10
N SER E 33 26.31 20.06 -6.24
CA SER E 33 25.66 19.78 -7.52
C SER E 33 25.19 18.34 -7.59
N TYR E 34 26.01 17.41 -7.12
CA TYR E 34 25.60 16.00 -7.09
C TYR E 34 24.41 15.79 -6.15
N THR E 35 24.49 16.33 -4.92
CA THR E 35 23.40 16.05 -3.98
C THR E 35 22.10 16.71 -4.43
N ALA E 36 22.17 17.88 -5.08
CA ALA E 36 20.97 18.51 -5.63
C ALA E 36 20.34 17.62 -6.70
N TRP E 37 21.16 17.10 -7.60
CA TRP E 37 20.67 16.17 -8.62
C TRP E 37 20.13 14.89 -7.98
N PHE E 38 20.87 14.31 -7.02
CA PHE E 38 20.43 13.06 -6.40
C PHE E 38 19.12 13.25 -5.64
N THR E 39 18.94 14.41 -5.00
CA THR E 39 17.69 14.69 -4.29
C THR E 39 16.50 14.68 -5.25
N ASP E 40 16.67 15.26 -6.43
CA ASP E 40 15.61 15.24 -7.44
C ASP E 40 15.39 13.84 -7.98
N ALA E 41 16.48 13.10 -8.21
CA ALA E 41 16.37 11.78 -8.83
C ALA E 41 15.89 10.69 -7.88
N VAL E 42 16.12 10.83 -6.58
CA VAL E 42 15.84 9.74 -5.66
C VAL E 42 15.08 10.24 -4.43
N SER E 43 15.74 11.11 -3.63
CA SER E 43 15.27 11.37 -2.27
C SER E 43 13.89 12.01 -2.25
N ASP E 44 13.65 12.99 -3.12
CA ASP E 44 12.33 13.65 -3.15
C ASP E 44 11.22 12.67 -3.53
N LYS E 45 11.52 11.69 -4.40
CA LYS E 45 10.52 10.68 -4.74
C LYS E 45 10.30 9.72 -3.57
N LEU E 46 11.35 9.41 -2.81
CA LEU E 46 11.18 8.60 -1.60
C LEU E 46 10.28 9.32 -0.60
N ASP E 47 10.45 10.64 -0.47
CA ASP E 47 9.60 11.41 0.44
C ASP E 47 8.14 11.30 0.02
N LYS E 48 7.87 11.47 -1.29
CA LYS E 48 6.50 11.36 -1.78
C LYS E 48 5.91 9.97 -1.53
N ILE E 49 6.72 8.94 -1.74
CA ILE E 49 6.25 7.56 -1.50
C ILE E 49 5.96 7.35 -0.01
N SER E 50 6.89 7.78 0.84
CA SER E 50 6.71 7.64 2.29
C SER E 50 5.48 8.41 2.75
N GLU E 51 5.27 9.61 2.21
CA GLU E 51 4.11 10.40 2.63
C GLU E 51 2.80 9.77 2.20
N SER E 52 2.76 9.22 0.98
CA SER E 52 1.56 8.52 0.54
C SER E 52 1.28 7.30 1.41
N LEU E 53 2.31 6.50 1.70
CA LEU E 53 2.14 5.37 2.60
C LEU E 53 1.61 5.80 3.97
N ASN E 54 2.13 6.89 4.54
CA ASN E 54 1.64 7.34 5.85
C ASN E 54 0.16 7.65 5.82
N THR E 55 -0.32 8.27 4.73
CA THR E 55 -1.74 8.57 4.61
C THR E 55 -2.58 7.30 4.66
N LEU E 56 -2.11 6.24 3.99
CA LEU E 56 -2.81 4.96 4.05
C LEU E 56 -2.70 4.33 5.44
N VAL E 57 -1.51 4.40 6.05
CA VAL E 57 -1.28 3.72 7.32
C VAL E 57 -1.97 4.41 8.50
N GLU E 58 -2.29 5.70 8.39
CA GLU E 58 -3.11 6.34 9.41
C GLU E 58 -4.47 5.70 9.53
N CYS E 59 -4.91 4.98 8.49
CA CYS E 59 -6.20 4.30 8.53
C CYS E 59 -6.16 3.04 9.38
N VAL E 60 -4.98 2.54 9.72
CA VAL E 60 -4.87 1.30 10.48
C VAL E 60 -5.10 1.60 11.95
N ILE E 61 -6.00 0.85 12.58
CA ILE E 61 -6.31 1.02 14.01
C ILE E 61 -6.31 -0.37 14.64
N ASP E 62 -5.38 -0.60 15.57
CA ASP E 62 -5.26 -1.86 16.30
C ASP E 62 -5.29 -3.08 15.36
N LYS E 63 -4.39 -3.05 14.37
CA LYS E 63 -4.14 -4.15 13.45
C LYS E 63 -5.36 -4.46 12.59
N ARG E 64 -6.22 -3.47 12.37
CA ARG E 64 -7.31 -3.56 11.41
C ARG E 64 -7.33 -2.28 10.58
N LEU E 65 -7.59 -2.42 9.28
CA LEU E 65 -7.70 -1.26 8.40
C LEU E 65 -9.13 -0.71 8.47
N ALA E 66 -9.27 0.56 8.86
CA ALA E 66 -10.58 1.17 8.89
C ALA E 66 -11.03 1.48 7.47
N VAL E 67 -12.21 0.99 7.09
CA VAL E 67 -12.72 1.16 5.74
C VAL E 67 -14.10 1.80 5.79
N SER E 68 -14.54 2.31 4.63
CA SER E 68 -15.87 2.90 4.49
C SER E 68 -16.60 2.26 3.31
N VAL E 69 -17.85 1.87 3.55
CA VAL E 69 -18.70 1.28 2.52
C VAL E 69 -19.84 2.26 2.23
N PRO E 70 -20.50 2.18 1.08
CA PRO E 70 -21.69 3.01 0.86
C PRO E 70 -22.71 2.76 1.95
N GLU E 71 -23.33 3.83 2.43
CA GLU E 71 -24.33 3.65 3.50
C GLU E 71 -25.65 4.32 3.16
N PRO E 72 -26.76 3.61 3.44
CA PRO E 72 -26.76 2.25 3.99
C PRO E 72 -26.26 1.22 2.99
N LEU E 73 -25.67 0.14 3.47
CA LEU E 73 -25.16 -0.88 2.58
C LEU E 73 -26.30 -1.75 2.08
N PRO E 74 -26.47 -1.91 0.77
CA PRO E 74 -27.53 -2.79 0.25
C PRO E 74 -27.21 -4.25 0.52
N VAL E 75 -28.20 -4.98 1.08
CA VAL E 75 -28.02 -6.39 1.41
C VAL E 75 -29.23 -7.19 0.97
N ARG E 76 -29.01 -8.49 0.81
CA ARG E 76 -30.07 -9.46 0.54
C ARG E 76 -30.06 -10.50 1.63
N VAL E 77 -31.18 -10.65 2.34
CA VAL E 77 -31.27 -11.63 3.42
C VAL E 77 -31.56 -13.00 2.82
N GLU E 78 -30.65 -13.95 3.05
CA GLU E 78 -30.77 -15.26 2.41
C GLU E 78 -31.60 -16.27 3.21
N ASN E 79 -31.86 -16.03 4.49
CA ASN E 79 -32.49 -17.04 5.32
C ASN E 79 -33.83 -16.55 5.86
N LYS E 80 -34.60 -17.50 6.40
CA LYS E 80 -35.86 -17.19 7.08
C LYS E 80 -35.56 -16.66 8.47
N VAL E 81 -36.19 -15.56 8.84
CA VAL E 81 -35.84 -14.81 10.04
C VAL E 81 -36.93 -14.99 11.09
N GLN E 82 -36.53 -15.34 12.32
CA GLN E 82 -37.45 -15.33 13.46
C GLN E 82 -37.66 -13.89 13.91
N VAL E 83 -38.91 -13.50 14.15
CA VAL E 83 -39.20 -12.12 14.50
C VAL E 83 -40.14 -12.06 15.69
N GLU E 84 -40.06 -10.93 16.39
CA GLU E 84 -40.94 -10.62 17.51
C GLU E 84 -41.66 -9.32 17.17
N VAL E 85 -42.98 -9.39 16.98
CA VAL E 85 -43.77 -8.20 16.69
C VAL E 85 -43.96 -7.41 17.99
N GLU E 86 -43.67 -6.11 17.93
CA GLU E 86 -43.65 -5.28 19.14
C GLU E 86 -44.71 -4.19 19.16
N ASP E 87 -45.60 -4.12 18.17
CA ASP E 87 -46.67 -3.12 18.18
C ASP E 87 -48.01 -3.81 17.97
N GLU E 88 -49.07 -3.09 18.31
CA GLU E 88 -50.42 -3.56 18.02
C GLU E 88 -50.65 -3.43 16.52
N VAL E 89 -51.20 -4.48 15.91
CA VAL E 89 -51.31 -4.57 14.47
C VAL E 89 -52.78 -4.37 14.10
N ARG E 90 -53.04 -3.38 13.23
CA ARG E 90 -54.36 -3.23 12.64
C ARG E 90 -54.58 -4.36 11.63
N VAL E 91 -55.72 -5.05 11.75
CA VAL E 91 -56.01 -6.20 10.91
C VAL E 91 -57.39 -6.06 10.30
N ARG E 92 -57.55 -6.68 9.14
CA ARG E 92 -58.82 -6.78 8.42
C ARG E 92 -59.13 -8.25 8.28
N VAL E 93 -60.22 -8.69 8.90
CA VAL E 93 -60.59 -10.10 8.85
C VAL E 93 -61.27 -10.38 7.51
N GLU E 94 -60.77 -11.39 6.79
CA GLU E 94 -61.23 -11.65 5.44
C GLU E 94 -62.28 -12.75 5.32
N ASN E 95 -62.36 -13.65 6.28
CA ASN E 95 -63.26 -14.80 6.18
C ASN E 95 -64.44 -14.66 7.13
N LYS E 96 -65.43 -15.54 6.94
CA LYS E 96 -66.55 -15.63 7.87
C LYS E 96 -66.12 -16.49 9.05
N VAL E 97 -66.27 -15.96 10.26
CA VAL E 97 -65.68 -16.55 11.45
C VAL E 97 -66.72 -17.38 12.19
N ASP E 98 -66.34 -18.59 12.60
CA ASP E 98 -67.15 -19.38 13.51
C ASP E 98 -67.01 -18.83 14.92
N VAL E 99 -68.13 -18.62 15.61
CA VAL E 99 -68.10 -18.07 16.96
C VAL E 99 -68.94 -18.92 17.89
N GLU E 100 -68.50 -18.99 19.14
CA GLU E 100 -69.28 -19.56 20.24
C GLU E 100 -69.65 -18.43 21.18
N VAL E 101 -70.94 -18.25 21.44
CA VAL E 101 -71.43 -17.10 22.18
C VAL E 101 -71.40 -17.39 23.68
N LYS E 102 -70.69 -16.54 24.42
CA LYS E 102 -70.84 -16.37 25.88
C LYS E 102 -70.87 -17.67 26.67
#